data_4UGQ
#
_entry.id   4UGQ
#
_cell.length_a   80.830
_cell.length_b   94.750
_cell.length_c   63.370
_cell.angle_alpha   90.00
_cell.angle_beta   90.00
_cell.angle_gamma   90.00
#
_symmetry.space_group_name_H-M   'P 21 21 2'
#
loop_
_entity.id
_entity.type
_entity.pdbx_description
1 polymer 'NITRIC OXIDE SYNTHASE OXYGENASE'
2 non-polymer 'PROTOPORPHYRIN IX CONTAINING FE'
3 non-polymer 5,6,7,8-TETRAHYDROBIOPTERIN
4 non-polymer 'CHLORIDE ION'
5 non-polymer "N,N''-{[(2S)-3-aminopropane-1,2-diyl]bis(oxymethanediylbenzene-3,1-diyl)}dithiophene-2-carboximidamide"
6 non-polymer GLYCEROL
7 water water
#
_entity_poly.entity_id   1
_entity_poly.type   'polypeptide(L)'
_entity_poly.pdbx_seq_one_letter_code
;MEEKEILWNEAKAFIAACYQELGKAAEVKDRLADIKSEIDLTGSYVHTKEELEHGAKMAWRNSNRCIGRLFWNSLNVIDR
RDVRTKEEVRDALFHHIETATNNGKIRPTITIFPPEEKGEKQVEIWNHQLIRYAGYESDGERIGDPASCSLTAACEELGW
RGERTDFDLLPLIFRMKGDEQPVWYELPRSLVIEVPITHPDIEAFSDLELKWYGVPIISDMKLEVGGIHYNAAPFNGWYM
GTEIGARNLADEKRYDKLKKVASVIGIAADYNTDLWKDQALVELNKAVLHSYKKQGVSIVDHHTAASQFKRFEEQAEEAG
RKLTGDWTWLIPPISPAATHIFHRSYDNSIVKPNYFYQDKPYE
;
_entity_poly.pdbx_strand_id   A
#
loop_
_chem_comp.id
_chem_comp.type
_chem_comp.name
_chem_comp.formula
7LN non-polymer N,N''-{[(2S)-3-aminopropane-1,2-diyl]bis(oxymethanediylbenzene-3,1-diyl)}dithiophene-2-carboximidamide 'C27 H29 N5 O2 S2'
CL non-polymer 'CHLORIDE ION' 'Cl -1'
GOL non-polymer GLYCEROL 'C3 H8 O3'
H4B non-polymer 5,6,7,8-TETRAHYDROBIOPTERIN 'C9 H15 N5 O3'
HEM non-polymer 'PROTOPORPHYRIN IX CONTAINING FE' 'C34 H32 Fe N4 O4'
#
# COMPACT_ATOMS: atom_id res chain seq x y z
N GLU A 2 -16.13 17.27 -23.12
CA GLU A 2 -15.92 17.55 -21.71
C GLU A 2 -14.81 16.72 -21.08
N GLU A 3 -14.89 15.40 -21.24
CA GLU A 3 -13.86 14.49 -20.75
C GLU A 3 -12.51 14.89 -21.31
N LYS A 4 -12.51 15.25 -22.58
CA LYS A 4 -11.31 15.67 -23.29
C LYS A 4 -10.73 17.00 -22.76
N GLU A 5 -11.61 17.91 -22.35
CA GLU A 5 -11.17 19.18 -21.78
C GLU A 5 -10.55 18.96 -20.40
N ILE A 6 -11.17 18.10 -19.58
CA ILE A 6 -10.63 17.73 -18.28
C ILE A 6 -9.19 17.23 -18.45
N LEU A 7 -8.98 16.38 -19.45
CA LEU A 7 -7.69 15.73 -19.67
C LEU A 7 -6.62 16.78 -19.98
N TRP A 8 -6.95 17.68 -20.88
CA TRP A 8 -6.03 18.74 -21.30
C TRP A 8 -5.70 19.69 -20.15
N ASN A 9 -6.67 20.03 -19.32
CA ASN A 9 -6.45 20.94 -18.21
C ASN A 9 -5.57 20.28 -17.16
N GLU A 10 -5.81 18.99 -16.93
CA GLU A 10 -5.01 18.24 -15.97
C GLU A 10 -3.60 18.04 -16.50
N ALA A 11 -3.49 17.86 -17.81
CA ALA A 11 -2.20 17.67 -18.47
C ALA A 11 -1.33 18.93 -18.36
N LYS A 12 -1.90 20.07 -18.76
CA LYS A 12 -1.26 21.37 -18.60
C LYS A 12 -0.71 21.60 -17.18
N ALA A 13 -1.53 21.36 -16.16
CA ALA A 13 -1.10 21.63 -14.80
C ALA A 13 0.06 20.72 -14.42
N PHE A 14 -0.07 19.44 -14.78
CA PHE A 14 0.94 18.47 -14.40
C PHE A 14 2.28 18.71 -15.12
N ILE A 15 2.24 18.95 -16.43
CA ILE A 15 3.48 19.11 -17.19
C ILE A 15 4.28 20.34 -16.71
N ALA A 16 3.59 21.47 -16.57
CA ALA A 16 4.19 22.68 -16.01
C ALA A 16 4.88 22.46 -14.66
N ALA A 17 4.18 21.84 -13.72
CA ALA A 17 4.74 21.62 -12.40
C ALA A 17 5.87 20.59 -12.44
N CYS A 18 5.64 19.50 -13.18
CA CYS A 18 6.64 18.44 -13.25
C CYS A 18 7.93 18.95 -13.89
N TYR A 19 7.80 19.64 -15.03
CA TYR A 19 8.97 20.15 -15.75
C TYR A 19 9.68 21.25 -14.95
N GLN A 20 8.92 22.02 -14.18
CA GLN A 20 9.53 23.01 -13.30
C GLN A 20 10.42 22.33 -12.26
N GLU A 21 9.91 21.27 -11.64
CA GLU A 21 10.66 20.54 -10.64
C GLU A 21 11.91 19.89 -11.23
N LEU A 22 11.84 19.49 -12.49
CA LEU A 22 12.94 18.79 -13.14
C LEU A 22 13.90 19.76 -13.84
N GLY A 23 13.68 21.06 -13.65
CA GLY A 23 14.49 22.07 -14.30
C GLY A 23 14.34 22.09 -15.82
N LYS A 24 13.15 21.72 -16.30
CA LYS A 24 12.88 21.62 -17.74
C LYS A 24 11.86 22.65 -18.20
N ALA A 25 11.74 23.76 -17.47
CA ALA A 25 10.68 24.74 -17.72
C ALA A 25 10.60 25.26 -19.16
N ALA A 26 11.74 25.34 -19.84
CA ALA A 26 11.77 25.87 -21.20
C ALA A 26 11.17 24.90 -22.23
N GLU A 27 10.98 23.65 -21.83
CA GLU A 27 10.47 22.63 -22.75
C GLU A 27 8.96 22.47 -22.65
N VAL A 28 8.36 23.12 -21.66
CA VAL A 28 6.93 22.97 -21.40
C VAL A 28 6.07 23.33 -22.62
N LYS A 29 6.40 24.46 -23.27
CA LYS A 29 5.59 24.96 -24.39
C LYS A 29 5.48 23.95 -25.53
N ASP A 30 6.62 23.42 -25.97
CA ASP A 30 6.64 22.44 -27.06
C ASP A 30 6.00 21.11 -26.67
N ARG A 31 6.20 20.70 -25.42
CA ARG A 31 5.62 19.44 -24.95
C ARG A 31 4.09 19.56 -24.88
N LEU A 32 3.60 20.70 -24.40
CA LEU A 32 2.16 20.93 -24.35
C LEU A 32 1.52 20.99 -25.74
N ALA A 33 2.27 21.47 -26.73
CA ALA A 33 1.77 21.49 -28.11
C ALA A 33 1.58 20.07 -28.59
N ASP A 34 2.66 19.28 -28.50
CA ASP A 34 2.64 17.87 -28.83
C ASP A 34 1.44 17.14 -28.20
N ILE A 35 1.21 17.42 -26.92
CA ILE A 35 0.14 16.79 -26.17
C ILE A 35 -1.24 17.14 -26.69
N LYS A 36 -1.49 18.43 -26.94
CA LYS A 36 -2.83 18.86 -27.38
C LYS A 36 -3.19 18.21 -28.71
N SER A 37 -2.22 18.15 -29.62
CA SER A 37 -2.41 17.47 -30.90
C SER A 37 -2.74 15.99 -30.69
N GLU A 38 -1.96 15.33 -29.83
CA GLU A 38 -2.14 13.92 -29.54
C GLU A 38 -3.52 13.66 -28.94
N ILE A 39 -3.94 14.53 -28.02
CA ILE A 39 -5.28 14.45 -27.46
C ILE A 39 -6.33 14.67 -28.55
N ASP A 40 -6.12 15.70 -29.37
CA ASP A 40 -7.05 16.01 -30.46
C ASP A 40 -7.27 14.83 -31.41
N LEU A 41 -6.21 14.07 -31.68
CA LEU A 41 -6.28 12.98 -32.65
C LEU A 41 -6.70 11.66 -32.01
N THR A 42 -6.16 11.36 -30.83
CA THR A 42 -6.31 10.05 -30.23
C THR A 42 -7.24 10.04 -29.02
N GLY A 43 -7.59 11.22 -28.52
CA GLY A 43 -8.40 11.32 -27.32
C GLY A 43 -7.60 11.07 -26.05
N SER A 44 -6.28 11.02 -26.17
CA SER A 44 -5.43 10.79 -25.01
C SER A 44 -3.96 11.17 -25.29
N TYR A 45 -3.07 10.90 -24.34
CA TYR A 45 -1.63 11.11 -24.55
C TYR A 45 -0.77 10.17 -23.70
N VAL A 46 0.47 9.97 -24.14
CA VAL A 46 1.38 9.02 -23.51
C VAL A 46 2.48 9.76 -22.75
N HIS A 47 2.68 9.43 -21.49
CA HIS A 47 3.77 10.04 -20.71
C HIS A 47 5.14 9.54 -21.16
N THR A 48 6.12 10.43 -21.15
CA THR A 48 7.52 10.04 -21.27
C THR A 48 7.87 9.26 -20.02
N LYS A 49 8.96 8.49 -20.06
CA LYS A 49 9.36 7.73 -18.86
C LYS A 49 9.72 8.67 -17.72
N GLU A 50 10.26 9.83 -18.05
CA GLU A 50 10.57 10.84 -17.05
C GLU A 50 9.30 11.36 -16.35
N GLU A 51 8.29 11.68 -17.15
CA GLU A 51 7.01 12.15 -16.61
C GLU A 51 6.36 11.09 -15.71
N LEU A 52 6.36 9.85 -16.17
CA LEU A 52 5.70 8.78 -15.44
C LEU A 52 6.39 8.58 -14.11
N GLU A 53 7.72 8.54 -14.14
CA GLU A 53 8.49 8.33 -12.92
C GLU A 53 8.29 9.48 -11.92
N HIS A 54 8.49 10.71 -12.36
CA HIS A 54 8.30 11.83 -11.45
C HIS A 54 6.84 11.95 -10.96
N GLY A 55 5.88 11.69 -11.86
CA GLY A 55 4.47 11.67 -11.50
C GLY A 55 4.13 10.70 -10.37
N ALA A 56 4.67 9.48 -10.44
CA ALA A 56 4.44 8.50 -9.37
C ALA A 56 5.04 8.99 -8.05
N LYS A 57 6.19 9.63 -8.13
CA LYS A 57 6.84 10.15 -6.93
C LYS A 57 6.05 11.33 -6.37
N MET A 58 5.57 12.21 -7.24
CA MET A 58 4.72 13.33 -6.77
C MET A 58 3.45 12.81 -6.13
N ALA A 59 2.88 11.77 -6.73
CA ALA A 59 1.67 11.20 -6.19
C ALA A 59 1.89 10.72 -4.76
N TRP A 60 3.04 10.10 -4.51
CA TRP A 60 3.35 9.65 -3.14
C TRP A 60 3.51 10.88 -2.23
N ARG A 61 4.25 11.87 -2.71
CA ARG A 61 4.50 13.08 -1.93
C ARG A 61 3.20 13.78 -1.52
N ASN A 62 2.16 13.58 -2.33
CA ASN A 62 0.86 14.23 -2.13
C ASN A 62 -0.13 13.38 -1.35
N SER A 63 0.27 12.17 -0.94
CA SER A 63 -0.65 11.29 -0.21
C SER A 63 -0.82 11.74 1.23
N ASN A 64 -1.92 12.44 1.48
CA ASN A 64 -2.17 13.05 2.79
C ASN A 64 -2.10 12.10 3.98
N ARG A 65 -2.43 10.84 3.75
CA ARG A 65 -2.54 9.91 4.87
C ARG A 65 -1.24 9.17 5.20
N CYS A 66 -0.19 9.44 4.43
CA CYS A 66 1.04 8.65 4.56
C CYS A 66 2.11 9.33 5.40
N ILE A 67 2.55 8.65 6.47
CA ILE A 67 3.55 9.18 7.37
C ILE A 67 4.94 8.94 6.80
N GLY A 68 5.05 8.09 5.77
CA GLY A 68 6.37 7.71 5.27
C GLY A 68 6.92 8.57 4.14
N ARG A 69 6.32 9.73 3.92
CA ARG A 69 6.63 10.50 2.72
C ARG A 69 8.02 11.13 2.61
N LEU A 70 8.80 11.12 3.68
CA LEU A 70 10.16 11.70 3.63
C LEU A 70 10.92 11.12 2.44
N PHE A 71 10.65 9.86 2.15
CA PHE A 71 11.42 9.13 1.14
C PHE A 71 10.85 9.10 -0.28
N TRP A 72 9.92 10.01 -0.56
CA TRP A 72 9.19 10.05 -1.84
C TRP A 72 10.06 10.07 -3.09
N ASN A 73 11.20 10.75 -3.01
CA ASN A 73 12.05 10.88 -4.18
C ASN A 73 12.89 9.65 -4.49
N SER A 74 12.90 8.67 -3.59
CA SER A 74 13.70 7.47 -3.87
C SER A 74 12.86 6.27 -4.34
N LEU A 75 11.57 6.53 -4.60
CA LEU A 75 10.68 5.51 -5.19
C LEU A 75 11.27 4.86 -6.46
N ASN A 76 11.24 3.54 -6.50
CA ASN A 76 11.72 2.79 -7.67
C ASN A 76 10.55 2.54 -8.60
N VAL A 77 10.55 3.19 -9.76
CA VAL A 77 9.40 3.09 -10.66
C VAL A 77 9.67 2.09 -11.76
N ILE A 78 8.87 1.03 -11.85
CA ILE A 78 9.01 0.06 -12.92
C ILE A 78 7.92 0.27 -13.97
N ASP A 79 8.32 0.61 -15.19
CA ASP A 79 7.37 0.90 -16.28
C ASP A 79 6.97 -0.36 -17.05
N ARG A 80 5.77 -0.86 -16.79
CA ARG A 80 5.27 -2.02 -17.53
C ARG A 80 4.05 -1.72 -18.40
N ARG A 81 4.06 -0.55 -19.04
CA ARG A 81 2.95 -0.17 -19.93
C ARG A 81 2.97 -1.00 -21.21
N ASP A 82 4.01 -1.82 -21.35
CA ASP A 82 4.15 -2.67 -22.54
C ASP A 82 3.42 -4.03 -22.42
N VAL A 83 2.89 -4.38 -21.25
CA VAL A 83 2.29 -5.71 -21.10
C VAL A 83 1.00 -5.85 -21.88
N ARG A 84 0.75 -7.05 -22.42
CA ARG A 84 -0.45 -7.29 -23.23
C ARG A 84 -1.11 -8.62 -22.87
N THR A 85 -0.40 -9.49 -22.16
CA THR A 85 -0.91 -10.83 -21.86
C THR A 85 -0.93 -11.12 -20.38
N LYS A 86 -1.75 -12.10 -19.99
CA LYS A 86 -1.90 -12.35 -18.56
C LYS A 86 -0.64 -13.00 -18.01
N GLU A 87 0.10 -13.74 -18.85
CA GLU A 87 1.39 -14.27 -18.39
C GLU A 87 2.37 -13.13 -18.09
N GLU A 88 2.37 -12.08 -18.93
CA GLU A 88 3.25 -10.94 -18.71
C GLU A 88 2.88 -10.16 -17.44
N VAL A 89 1.59 -10.10 -17.13
CA VAL A 89 1.14 -9.42 -15.91
C VAL A 89 1.57 -10.22 -14.69
N ARG A 90 1.33 -11.54 -14.73
CA ARG A 90 1.72 -12.43 -13.64
C ARG A 90 3.21 -12.28 -13.37
N ASP A 91 4.02 -12.40 -14.41
CA ASP A 91 5.46 -12.34 -14.25
C ASP A 91 5.92 -10.98 -13.74
N ALA A 92 5.24 -9.91 -14.16
CA ALA A 92 5.56 -8.57 -13.67
C ALA A 92 5.20 -8.43 -12.20
N LEU A 93 4.14 -9.11 -11.77
CA LEU A 93 3.74 -9.02 -10.36
C LEU A 93 4.70 -9.86 -9.50
N PHE A 94 5.05 -11.05 -10.00
CA PHE A 94 6.07 -11.87 -9.31
C PHE A 94 7.38 -11.10 -9.18
N HIS A 95 7.78 -10.41 -10.25
CA HIS A 95 9.04 -9.65 -10.23
C HIS A 95 9.00 -8.51 -9.21
N HIS A 96 7.87 -7.81 -9.18
CA HIS A 96 7.71 -6.74 -8.21
C HIS A 96 7.93 -7.30 -6.80
N ILE A 97 7.26 -8.40 -6.47
CA ILE A 97 7.45 -8.99 -5.14
C ILE A 97 8.93 -9.28 -4.89
N GLU A 98 9.61 -9.90 -5.85
CA GLU A 98 11.00 -10.28 -5.65
C GLU A 98 11.91 -9.06 -5.48
N THR A 99 11.76 -8.05 -6.33
CA THR A 99 12.71 -6.92 -6.28
C THR A 99 12.38 -5.95 -5.16
N ALA A 100 11.10 -5.86 -4.80
CA ALA A 100 10.72 -5.01 -3.67
C ALA A 100 11.20 -5.64 -2.37
N THR A 101 11.07 -6.96 -2.28
CA THR A 101 11.46 -7.69 -1.06
C THR A 101 12.98 -7.59 -0.81
N ASN A 102 13.75 -7.78 -1.88
CA ASN A 102 15.20 -7.58 -1.85
C ASN A 102 15.84 -8.29 -0.65
N ASN A 103 15.45 -9.55 -0.43
CA ASN A 103 16.03 -10.37 0.64
C ASN A 103 15.81 -9.79 2.03
N GLY A 104 14.81 -8.94 2.17
CA GLY A 104 14.47 -8.39 3.47
C GLY A 104 14.76 -6.91 3.57
N LYS A 105 15.73 -6.42 2.78
CA LYS A 105 16.04 -4.98 2.80
C LYS A 105 15.11 -4.27 1.81
N ILE A 106 13.88 -4.03 2.25
CA ILE A 106 12.76 -3.63 1.38
C ILE A 106 13.04 -2.36 0.55
N ARG A 107 12.76 -2.43 -0.75
CA ARG A 107 12.87 -1.26 -1.65
C ARG A 107 11.50 -0.74 -2.02
N PRO A 108 11.18 0.52 -1.65
CA PRO A 108 9.89 1.09 -2.09
C PRO A 108 9.82 1.11 -3.61
N THR A 109 8.77 0.50 -4.17
CA THR A 109 8.69 0.20 -5.60
C THR A 109 7.25 0.36 -6.07
N ILE A 110 7.08 0.79 -7.30
CA ILE A 110 5.76 0.74 -7.94
C ILE A 110 5.92 0.16 -9.33
N THR A 111 5.01 -0.73 -9.73
CA THR A 111 5.02 -1.24 -11.09
C THR A 111 3.81 -0.64 -11.78
N ILE A 112 3.99 -0.03 -12.94
CA ILE A 112 2.88 0.68 -13.57
C ILE A 112 2.40 0.00 -14.85
N PHE A 113 1.13 -0.42 -14.86
CA PHE A 113 0.58 -1.17 -16.01
C PHE A 113 -0.13 -0.19 -16.96
N PRO A 114 -0.52 -0.65 -18.18
CA PRO A 114 -1.20 0.26 -19.12
C PRO A 114 -2.39 0.95 -18.45
N PRO A 115 -2.64 2.22 -18.78
CA PRO A 115 -3.70 2.95 -18.08
C PRO A 115 -5.05 2.72 -18.75
N GLU A 116 -6.11 3.17 -18.10
CA GLU A 116 -7.45 3.18 -18.71
C GLU A 116 -7.42 3.97 -20.00
N GLU A 117 -8.28 3.60 -20.95
CA GLU A 117 -8.28 4.31 -22.22
C GLU A 117 -9.41 5.33 -22.27
N LYS A 118 -10.65 4.88 -22.41
CA LYS A 118 -11.77 5.79 -22.14
C LYS A 118 -12.55 5.29 -20.94
N GLY A 119 -11.87 5.15 -19.80
CA GLY A 119 -12.48 4.55 -18.63
C GLY A 119 -12.49 3.03 -18.73
N GLU A 120 -12.07 2.49 -19.87
CA GLU A 120 -11.96 1.05 -20.03
C GLU A 120 -10.61 0.55 -19.54
N LYS A 121 -10.64 -0.28 -18.50
CA LYS A 121 -9.41 -0.85 -17.94
C LYS A 121 -8.75 -1.85 -18.90
N GLN A 122 -7.42 -1.89 -18.89
CA GLN A 122 -6.68 -2.85 -19.71
C GLN A 122 -6.39 -4.08 -18.86
N VAL A 123 -6.08 -3.82 -17.60
CA VAL A 123 -5.76 -4.85 -16.62
C VAL A 123 -6.49 -4.43 -15.35
N GLU A 124 -7.18 -5.37 -14.71
CA GLU A 124 -7.95 -5.08 -13.50
C GLU A 124 -7.50 -6.01 -12.36
N ILE A 125 -6.81 -5.47 -11.36
CA ILE A 125 -6.29 -6.31 -10.28
C ILE A 125 -7.34 -6.45 -9.20
N TRP A 126 -7.64 -7.68 -8.77
CA TRP A 126 -8.66 -7.88 -7.72
C TRP A 126 -8.11 -7.85 -6.29
N ASN A 127 -6.86 -8.28 -6.10
CA ASN A 127 -6.25 -8.25 -4.76
C ASN A 127 -6.21 -6.88 -4.12
N HIS A 128 -6.36 -6.81 -2.79
CA HIS A 128 -6.16 -5.56 -2.07
C HIS A 128 -4.64 -5.34 -1.91
N GLN A 129 -3.94 -6.40 -1.52
CA GLN A 129 -2.48 -6.37 -1.51
C GLN A 129 -2.01 -7.61 -2.25
N LEU A 130 -0.83 -7.55 -2.83
CA LEU A 130 -0.38 -8.71 -3.60
C LEU A 130 -0.17 -9.91 -2.70
N ILE A 131 0.32 -9.67 -1.48
CA ILE A 131 0.48 -10.72 -0.48
C ILE A 131 -0.48 -10.43 0.68
N ARG A 132 -1.45 -11.31 0.91
N ARG A 132 -1.43 -11.34 0.93
CA ARG A 132 -2.40 -11.12 2.00
CA ARG A 132 -2.48 -11.11 1.92
C ARG A 132 -3.01 -12.47 2.36
C ARG A 132 -3.06 -12.46 2.34
N TYR A 133 -3.55 -12.57 3.57
CA TYR A 133 -4.10 -13.85 4.04
C TYR A 133 -5.59 -13.97 3.78
N ALA A 134 -6.04 -15.19 3.46
CA ALA A 134 -7.45 -15.51 3.25
C ALA A 134 -8.27 -15.40 4.54
N GLY A 135 -9.58 -15.26 4.39
CA GLY A 135 -10.47 -15.22 5.54
C GLY A 135 -11.69 -16.06 5.24
N TYR A 136 -12.21 -16.74 6.26
CA TYR A 136 -13.35 -17.63 6.09
C TYR A 136 -14.31 -17.45 7.25
N GLU A 137 -15.59 -17.66 6.98
CA GLU A 137 -16.61 -17.68 8.00
C GLU A 137 -17.62 -18.71 7.61
N SER A 138 -17.84 -19.66 8.50
CA SER A 138 -18.98 -20.56 8.41
C SER A 138 -19.30 -20.80 9.87
N ASP A 139 -20.22 -21.73 10.15
CA ASP A 139 -20.40 -22.28 11.50
C ASP A 139 -20.30 -21.30 12.68
N GLY A 140 -20.30 -20.00 12.41
CA GLY A 140 -20.07 -19.02 13.44
C GLY A 140 -18.59 -18.73 13.68
N GLU A 141 -17.72 -19.72 13.52
CA GLU A 141 -16.30 -19.49 13.80
C GLU A 141 -15.47 -19.02 12.60
N ARG A 142 -14.63 -18.03 12.87
CA ARG A 142 -13.84 -17.40 11.83
C ARG A 142 -12.46 -18.05 11.76
N ILE A 143 -11.92 -18.09 10.55
CA ILE A 143 -10.58 -18.58 10.35
C ILE A 143 -9.91 -17.50 9.51
N GLY A 144 -8.66 -17.17 9.82
CA GLY A 144 -7.91 -16.22 9.00
C GLY A 144 -8.31 -14.76 9.16
N ASP A 145 -8.14 -13.99 8.10
CA ASP A 145 -8.29 -12.53 8.16
C ASP A 145 -9.68 -12.11 7.68
N PRO A 146 -10.54 -11.66 8.61
CA PRO A 146 -11.90 -11.32 8.17
C PRO A 146 -11.92 -10.27 7.07
N ALA A 147 -10.91 -9.40 6.99
CA ALA A 147 -10.90 -8.35 5.98
C ALA A 147 -10.82 -8.95 4.57
N SER A 148 -10.41 -10.22 4.49
CA SER A 148 -10.30 -10.93 3.20
C SER A 148 -11.45 -11.85 2.85
N CYS A 149 -12.48 -11.88 3.70
CA CYS A 149 -13.60 -12.78 3.52
C CYS A 149 -14.27 -12.72 2.15
N SER A 150 -14.58 -11.51 1.69
CA SER A 150 -15.31 -11.39 0.42
C SER A 150 -14.44 -11.75 -0.78
N LEU A 151 -13.17 -11.33 -0.78
CA LEU A 151 -12.29 -11.70 -1.90
C LEU A 151 -11.98 -13.20 -1.90
N THR A 152 -11.82 -13.78 -0.71
CA THR A 152 -11.57 -15.23 -0.58
C THR A 152 -12.74 -16.01 -1.14
N ALA A 153 -13.95 -15.57 -0.80
CA ALA A 153 -15.15 -16.20 -1.35
C ALA A 153 -15.19 -16.10 -2.88
N ALA A 154 -14.79 -14.95 -3.42
CA ALA A 154 -14.79 -14.79 -4.88
C ALA A 154 -13.74 -15.70 -5.50
N CYS A 155 -12.54 -15.80 -4.89
CA CYS A 155 -11.54 -16.74 -5.41
C CYS A 155 -12.05 -18.17 -5.41
N GLU A 156 -12.75 -18.56 -4.35
CA GLU A 156 -13.30 -19.92 -4.32
C GLU A 156 -14.43 -20.12 -5.31
N GLU A 157 -14.90 -19.05 -5.95
CA GLU A 157 -15.85 -19.21 -7.05
C GLU A 157 -15.11 -19.54 -8.34
N LEU A 158 -13.81 -19.28 -8.36
CA LEU A 158 -13.01 -19.44 -9.58
C LEU A 158 -12.17 -20.72 -9.62
N GLY A 159 -12.47 -21.65 -8.71
CA GLY A 159 -11.79 -22.93 -8.73
C GLY A 159 -10.63 -23.07 -7.74
N TRP A 160 -10.29 -21.99 -7.05
CA TRP A 160 -9.27 -22.05 -6.00
C TRP A 160 -9.91 -22.59 -4.72
N ARG A 161 -9.10 -23.21 -3.85
CA ARG A 161 -9.56 -23.69 -2.56
C ARG A 161 -8.44 -23.44 -1.55
N GLY A 162 -8.79 -22.75 -0.46
CA GLY A 162 -7.82 -22.49 0.60
C GLY A 162 -7.75 -23.68 1.55
N GLU A 163 -6.60 -23.86 2.19
CA GLU A 163 -6.42 -24.91 3.19
C GLU A 163 -7.13 -24.64 4.52
N ARG A 164 -7.57 -23.40 4.69
CA ARG A 164 -8.27 -22.98 5.92
C ARG A 164 -7.39 -23.03 7.18
N THR A 165 -6.13 -22.64 7.02
CA THR A 165 -5.32 -22.26 8.16
C THR A 165 -5.62 -20.77 8.38
N ASP A 166 -5.07 -20.21 9.46
CA ASP A 166 -5.29 -18.80 9.75
C ASP A 166 -4.44 -17.90 8.89
N PHE A 167 -3.53 -18.50 8.12
CA PHE A 167 -2.58 -17.75 7.30
C PHE A 167 -2.42 -18.33 5.90
N ASP A 168 -3.54 -18.63 5.22
CA ASP A 168 -3.48 -19.05 3.81
C ASP A 168 -3.12 -17.86 2.92
N LEU A 169 -2.15 -18.01 2.04
CA LEU A 169 -1.84 -16.92 1.10
C LEU A 169 -2.87 -16.93 -0.04
N LEU A 170 -3.51 -15.81 -0.29
CA LEU A 170 -4.41 -15.70 -1.42
C LEU A 170 -3.58 -15.75 -2.70
N PRO A 171 -4.16 -16.25 -3.78
CA PRO A 171 -3.47 -16.22 -5.07
C PRO A 171 -3.57 -14.82 -5.63
N LEU A 172 -2.71 -14.48 -6.59
CA LEU A 172 -2.91 -13.29 -7.40
C LEU A 172 -4.18 -13.49 -8.22
N ILE A 173 -4.99 -12.45 -8.33
CA ILE A 173 -6.17 -12.57 -9.13
C ILE A 173 -6.42 -11.26 -9.88
N PHE A 174 -6.54 -11.36 -11.21
CA PHE A 174 -6.73 -10.17 -12.03
C PHE A 174 -7.44 -10.50 -13.33
N ARG A 175 -8.08 -9.50 -13.92
CA ARG A 175 -8.78 -9.70 -15.19
C ARG A 175 -8.18 -8.86 -16.31
N MET A 176 -8.06 -9.45 -17.50
CA MET A 176 -7.61 -8.73 -18.70
C MET A 176 -8.80 -8.15 -19.47
N LYS A 177 -8.60 -6.99 -20.09
CA LYS A 177 -9.59 -6.43 -20.98
C LYS A 177 -10.01 -7.49 -21.98
N GLY A 178 -11.31 -7.73 -22.11
CA GLY A 178 -11.79 -8.69 -23.10
C GLY A 178 -12.15 -10.05 -22.49
N ASP A 179 -11.65 -10.32 -21.30
CA ASP A 179 -12.01 -11.55 -20.59
C ASP A 179 -13.17 -11.27 -19.65
N GLU A 180 -14.06 -12.26 -19.49
CA GLU A 180 -15.21 -12.11 -18.60
C GLU A 180 -14.88 -12.46 -17.15
N GLN A 181 -13.94 -13.37 -16.93
CA GLN A 181 -13.55 -13.76 -15.58
C GLN A 181 -12.09 -13.48 -15.33
N PRO A 182 -11.74 -13.14 -14.08
CA PRO A 182 -10.31 -12.99 -13.77
C PRO A 182 -9.63 -14.36 -13.81
N VAL A 183 -8.30 -14.37 -13.92
CA VAL A 183 -7.53 -15.61 -13.74
C VAL A 183 -6.87 -15.55 -12.37
N TRP A 184 -6.44 -16.69 -11.84
CA TRP A 184 -5.71 -16.67 -10.57
C TRP A 184 -4.44 -17.53 -10.62
N TYR A 185 -3.42 -17.12 -9.87
CA TYR A 185 -2.16 -17.87 -9.83
C TYR A 185 -1.67 -17.95 -8.40
N GLU A 186 -1.30 -19.14 -7.96
CA GLU A 186 -0.80 -19.32 -6.60
C GLU A 186 0.56 -18.62 -6.51
N LEU A 187 0.85 -17.98 -5.38
CA LEU A 187 2.16 -17.36 -5.19
C LEU A 187 3.23 -18.40 -4.91
N PRO A 188 4.36 -18.34 -5.63
CA PRO A 188 5.48 -19.23 -5.27
C PRO A 188 5.95 -18.90 -3.85
N ARG A 189 6.03 -19.89 -2.96
CA ARG A 189 6.33 -19.60 -1.56
C ARG A 189 7.74 -19.02 -1.39
N SER A 190 8.66 -19.40 -2.28
CA SER A 190 10.04 -18.89 -2.23
C SER A 190 10.13 -17.37 -2.37
N LEU A 191 9.08 -16.75 -2.91
CA LEU A 191 9.06 -15.28 -3.09
C LEU A 191 8.54 -14.53 -1.88
N VAL A 192 7.88 -15.25 -0.97
CA VAL A 192 7.14 -14.59 0.11
C VAL A 192 7.84 -14.72 1.44
N ILE A 193 8.42 -13.63 1.93
CA ILE A 193 9.05 -13.70 3.23
C ILE A 193 7.96 -13.51 4.30
N GLU A 194 7.95 -14.37 5.32
CA GLU A 194 7.05 -14.21 6.45
C GLU A 194 7.88 -14.15 7.71
N VAL A 195 7.34 -13.50 8.74
CA VAL A 195 8.05 -13.31 9.99
C VAL A 195 7.27 -13.93 11.15
N PRO A 196 7.86 -14.93 11.83
CA PRO A 196 7.17 -15.43 13.03
C PRO A 196 7.27 -14.43 14.16
N ILE A 197 6.20 -14.24 14.93
CA ILE A 197 6.22 -13.21 15.98
C ILE A 197 6.64 -13.85 17.30
N THR A 198 7.79 -13.40 17.82
CA THR A 198 8.26 -13.81 19.14
C THR A 198 8.54 -12.54 19.95
N HIS A 199 8.67 -12.68 21.27
CA HIS A 199 8.89 -11.52 22.11
C HIS A 199 10.33 -11.59 22.65
N PRO A 200 10.99 -10.42 22.80
CA PRO A 200 12.39 -10.44 23.24
C PRO A 200 12.63 -11.05 24.64
N ASP A 201 11.63 -11.00 25.53
CA ASP A 201 11.85 -11.40 26.94
C ASP A 201 10.91 -12.51 27.42
N ILE A 202 9.80 -12.70 26.72
CA ILE A 202 8.75 -13.61 27.19
C ILE A 202 8.66 -14.80 26.25
N GLU A 203 9.18 -15.94 26.70
CA GLU A 203 9.32 -17.12 25.87
C GLU A 203 7.97 -17.66 25.43
N ALA A 204 6.98 -17.52 26.31
CA ALA A 204 5.64 -18.07 26.07
C ALA A 204 4.97 -17.43 24.86
N PHE A 205 5.48 -16.29 24.42
CA PHE A 205 4.82 -15.54 23.37
C PHE A 205 4.75 -16.38 22.08
N SER A 206 5.70 -17.29 21.86
CA SER A 206 5.66 -18.15 20.67
C SER A 206 4.46 -19.09 20.66
N ASP A 207 3.86 -19.30 21.84
CA ASP A 207 2.70 -20.18 21.94
C ASP A 207 1.50 -19.67 21.15
N LEU A 208 1.47 -18.36 20.88
CA LEU A 208 0.39 -17.78 20.08
C LEU A 208 0.50 -18.18 18.60
N GLU A 209 1.68 -18.63 18.19
CA GLU A 209 1.93 -19.00 16.79
C GLU A 209 1.52 -17.92 15.79
N LEU A 210 1.84 -16.67 16.10
CA LEU A 210 1.48 -15.56 15.21
C LEU A 210 2.58 -15.40 14.16
N LYS A 211 2.20 -14.92 12.98
CA LYS A 211 3.17 -14.49 11.99
C LYS A 211 2.55 -13.39 11.15
N TRP A 212 3.34 -12.68 10.37
CA TRP A 212 2.81 -11.74 9.39
C TRP A 212 3.74 -11.75 8.19
N TYR A 213 3.29 -11.23 7.06
CA TYR A 213 4.14 -11.23 5.86
C TYR A 213 5.04 -9.98 5.85
N GLY A 214 6.16 -10.06 5.16
CA GLY A 214 7.16 -9.01 5.26
C GLY A 214 6.83 -7.73 4.53
N VAL A 215 6.18 -7.84 3.38
CA VAL A 215 6.06 -6.69 2.49
C VAL A 215 4.62 -6.37 2.11
N PRO A 216 4.10 -5.20 2.55
CA PRO A 216 2.74 -4.79 2.16
C PRO A 216 2.74 -4.10 0.80
N ILE A 217 2.04 -4.68 -0.17
CA ILE A 217 2.07 -4.18 -1.54
C ILE A 217 0.66 -3.88 -2.00
N ILE A 218 0.27 -2.62 -1.93
CA ILE A 218 -1.12 -2.18 -2.17
C ILE A 218 -1.39 -2.20 -3.67
N SER A 219 -2.40 -2.97 -4.08
CA SER A 219 -2.59 -3.24 -5.48
C SER A 219 -3.97 -2.89 -5.98
N ASP A 220 -4.73 -2.11 -5.21
CA ASP A 220 -6.09 -1.80 -5.66
C ASP A 220 -6.38 -0.29 -5.73
N MET A 221 -5.34 0.55 -5.69
CA MET A 221 -5.54 2.00 -5.85
C MET A 221 -5.23 2.53 -7.26
N LYS A 222 -5.87 3.64 -7.62
CA LYS A 222 -5.63 4.23 -8.92
C LYS A 222 -4.60 5.35 -8.79
N LEU A 223 -3.52 5.26 -9.57
CA LEU A 223 -2.56 6.37 -9.68
C LEU A 223 -3.03 7.31 -10.76
N GLU A 224 -3.25 8.58 -10.44
CA GLU A 224 -3.66 9.56 -11.45
C GLU A 224 -2.55 10.58 -11.66
N VAL A 225 -2.16 10.75 -12.92
CA VAL A 225 -1.07 11.65 -13.28
C VAL A 225 -1.44 12.41 -14.54
N GLY A 226 -1.64 13.72 -14.42
CA GLY A 226 -1.91 14.55 -15.59
C GLY A 226 -3.12 14.10 -16.38
N GLY A 227 -4.15 13.65 -15.67
CA GLY A 227 -5.39 13.25 -16.31
C GLY A 227 -5.41 11.83 -16.87
N ILE A 228 -4.29 11.11 -16.71
CA ILE A 228 -4.22 9.71 -17.14
C ILE A 228 -4.48 8.82 -15.93
N HIS A 229 -5.35 7.81 -16.08
CA HIS A 229 -5.75 6.97 -14.95
C HIS A 229 -5.10 5.60 -14.98
N TYR A 230 -4.06 5.41 -14.16
CA TYR A 230 -3.41 4.12 -14.06
C TYR A 230 -4.06 3.33 -12.93
N ASN A 231 -5.14 2.62 -13.26
CA ASN A 231 -5.93 1.92 -12.24
C ASN A 231 -5.16 0.73 -11.69
N ALA A 232 -4.17 0.27 -12.46
CA ALA A 232 -3.36 -0.87 -12.06
C ALA A 232 -1.90 -0.45 -11.91
N ALA A 233 -1.51 -0.19 -10.67
CA ALA A 233 -0.15 0.30 -10.38
C ALA A 233 0.23 -0.04 -8.96
N PRO A 234 0.49 -1.33 -8.70
CA PRO A 234 0.74 -1.72 -7.31
C PRO A 234 2.03 -1.11 -6.75
N PHE A 235 2.00 -0.72 -5.48
CA PHE A 235 3.15 -0.10 -4.84
C PHE A 235 3.39 -0.66 -3.43
N ASN A 236 4.62 -0.52 -2.94
CA ASN A 236 4.96 -0.99 -1.60
C ASN A 236 5.97 -0.08 -0.95
N GLY A 237 5.93 -0.01 0.38
CA GLY A 237 7.01 0.53 1.19
C GLY A 237 7.35 -0.59 2.14
N TRP A 238 7.74 -0.24 3.36
CA TRP A 238 7.84 -1.22 4.44
C TRP A 238 6.79 -0.87 5.48
N TYR A 239 6.53 -1.79 6.40
CA TYR A 239 5.54 -1.57 7.45
C TYR A 239 6.03 -0.60 8.53
N MET A 240 5.09 0.17 9.08
CA MET A 240 5.30 0.77 10.41
C MET A 240 4.73 -0.28 11.38
N GLY A 241 5.44 -0.57 12.47
CA GLY A 241 5.07 -1.73 13.29
C GLY A 241 3.63 -1.71 13.83
N THR A 242 3.12 -0.52 14.14
CA THR A 242 1.75 -0.41 14.68
C THR A 242 0.68 -0.92 13.71
N GLU A 243 0.97 -0.91 12.41
CA GLU A 243 -0.01 -1.39 11.45
C GLU A 243 -0.30 -2.85 11.69
N ILE A 244 0.73 -3.58 12.10
CA ILE A 244 0.62 -5.02 12.33
C ILE A 244 0.16 -5.26 13.76
N GLY A 245 0.84 -4.61 14.70
CA GLY A 245 0.63 -4.89 16.11
C GLY A 245 -0.58 -4.24 16.76
N ALA A 246 -1.01 -3.09 16.25
CA ALA A 246 -2.13 -2.37 16.88
C ALA A 246 -3.41 -2.51 16.08
N ARG A 247 -3.29 -3.03 14.85
CA ARG A 247 -4.46 -3.10 13.99
C ARG A 247 -4.72 -4.50 13.41
N ASN A 248 -3.82 -4.98 12.53
CA ASN A 248 -4.05 -6.28 11.87
C ASN A 248 -4.19 -7.42 12.86
N LEU A 249 -3.34 -7.45 13.88
CA LEU A 249 -3.41 -8.54 14.86
C LEU A 249 -4.32 -8.20 16.06
N ALA A 250 -4.63 -6.92 16.26
CA ALA A 250 -5.38 -6.50 17.45
C ALA A 250 -6.86 -6.15 17.27
N ASP A 251 -7.24 -5.64 16.10
CA ASP A 251 -8.62 -5.18 15.93
C ASP A 251 -9.58 -6.35 16.18
N GLU A 252 -10.71 -6.09 16.81
CA GLU A 252 -11.72 -7.14 17.01
C GLU A 252 -12.24 -7.74 15.71
N LYS A 253 -12.28 -6.94 14.66
CA LYS A 253 -12.75 -7.42 13.36
C LYS A 253 -11.60 -7.89 12.47
N ARG A 254 -10.40 -7.98 13.04
CA ARG A 254 -9.29 -8.62 12.31
C ARG A 254 -8.91 -9.89 13.08
N TYR A 255 -7.65 -10.04 13.45
CA TYR A 255 -7.24 -11.27 14.15
C TYR A 255 -7.57 -11.29 15.65
N ASP A 256 -7.88 -10.14 16.24
CA ASP A 256 -8.46 -10.09 17.61
C ASP A 256 -7.63 -10.83 18.67
N LYS A 257 -6.34 -10.57 18.75
CA LYS A 257 -5.46 -11.36 19.64
C LYS A 257 -5.18 -10.80 21.05
N LEU A 258 -5.75 -9.66 21.43
CA LEU A 258 -5.33 -9.04 22.71
C LEU A 258 -5.57 -9.91 23.96
N LYS A 259 -6.71 -10.59 24.04
CA LYS A 259 -6.95 -11.46 25.20
C LYS A 259 -5.92 -12.60 25.27
N LYS A 260 -5.57 -13.19 24.14
CA LYS A 260 -4.55 -14.21 24.14
C LYS A 260 -3.17 -13.63 24.46
N VAL A 261 -2.90 -12.41 24.03
CA VAL A 261 -1.62 -11.78 24.37
C VAL A 261 -1.57 -11.58 25.89
N ALA A 262 -2.65 -11.05 26.45
CA ALA A 262 -2.74 -10.82 27.89
C ALA A 262 -2.40 -12.10 28.65
N SER A 263 -2.99 -13.21 28.21
CA SER A 263 -2.76 -14.47 28.87
C SER A 263 -1.28 -14.93 28.85
N VAL A 264 -0.61 -14.85 27.70
CA VAL A 264 0.79 -15.33 27.66
C VAL A 264 1.78 -14.37 28.32
N ILE A 265 1.41 -13.09 28.45
CA ILE A 265 2.30 -12.18 29.16
C ILE A 265 2.02 -12.18 30.66
N GLY A 266 1.03 -12.98 31.08
CA GLY A 266 0.79 -13.20 32.49
C GLY A 266 0.02 -12.12 33.23
N ILE A 267 -0.86 -11.40 32.54
CA ILE A 267 -1.72 -10.42 33.22
C ILE A 267 -3.19 -10.79 33.08
N ALA A 268 -4.00 -10.36 34.04
CA ALA A 268 -5.45 -10.58 34.02
C ALA A 268 -6.10 -9.72 32.94
N ALA A 269 -7.15 -10.22 32.30
CA ALA A 269 -7.86 -9.42 31.31
C ALA A 269 -9.29 -9.22 31.79
N ASP A 270 -9.43 -8.77 33.03
CA ASP A 270 -10.72 -8.76 33.70
C ASP A 270 -11.29 -7.35 33.93
N TYR A 271 -10.41 -6.35 34.13
CA TYR A 271 -10.87 -5.02 34.57
C TYR A 271 -10.35 -3.91 33.66
N ASN A 272 -11.25 -3.03 33.21
CA ASN A 272 -10.83 -1.95 32.31
C ASN A 272 -9.77 -1.11 32.99
N THR A 273 -9.92 -0.90 34.30
CA THR A 273 -9.00 -0.02 35.04
C THR A 273 -7.57 -0.56 35.17
N ASP A 274 -7.37 -1.85 34.87
CA ASP A 274 -6.03 -2.43 34.87
C ASP A 274 -5.27 -2.07 33.61
N LEU A 275 -5.98 -1.51 32.62
CA LEU A 275 -5.39 -1.16 31.34
C LEU A 275 -4.70 -2.35 30.71
N TRP A 276 -5.34 -3.52 30.82
CA TRP A 276 -4.74 -4.71 30.26
C TRP A 276 -4.70 -4.66 28.74
N LYS A 277 -5.66 -4.01 28.11
CA LYS A 277 -5.58 -3.93 26.65
C LYS A 277 -4.39 -3.09 26.24
N ASP A 278 -4.16 -2.00 26.96
CA ASP A 278 -3.06 -1.10 26.61
C ASP A 278 -1.72 -1.79 26.78
N GLN A 279 -1.58 -2.52 27.88
CA GLN A 279 -0.36 -3.26 28.17
C GLN A 279 -0.12 -4.36 27.16
N ALA A 280 -1.17 -5.12 26.85
CA ALA A 280 -1.07 -6.14 25.81
C ALA A 280 -0.65 -5.55 24.47
N LEU A 281 -1.22 -4.39 24.13
CA LEU A 281 -0.88 -3.71 22.88
C LEU A 281 0.58 -3.32 22.82
N VAL A 282 1.12 -2.84 23.94
CA VAL A 282 2.52 -2.46 23.96
C VAL A 282 3.43 -3.69 23.76
N GLU A 283 3.17 -4.78 24.50
CA GLU A 283 4.01 -5.97 24.37
C GLU A 283 3.88 -6.61 22.99
N LEU A 284 2.67 -6.65 22.43
CA LEU A 284 2.50 -7.17 21.05
C LEU A 284 3.26 -6.32 20.03
N ASN A 285 3.25 -5.01 20.22
CA ASN A 285 3.98 -4.14 19.30
C ASN A 285 5.50 -4.23 19.45
N LYS A 286 5.96 -4.46 20.68
CA LYS A 286 7.39 -4.70 20.90
C LYS A 286 7.79 -6.01 20.22
N ALA A 287 6.93 -7.01 20.30
CA ALA A 287 7.24 -8.30 19.68
C ALA A 287 7.33 -8.18 18.16
N VAL A 288 6.40 -7.43 17.57
CA VAL A 288 6.43 -7.25 16.11
C VAL A 288 7.75 -6.61 15.65
N LEU A 289 8.18 -5.56 16.33
CA LEU A 289 9.41 -4.86 15.93
C LEU A 289 10.62 -5.75 16.15
N HIS A 290 10.64 -6.40 17.31
CA HIS A 290 11.72 -7.34 17.60
C HIS A 290 11.86 -8.43 16.53
N SER A 291 10.72 -9.02 16.15
CA SER A 291 10.73 -10.16 15.24
C SER A 291 11.15 -9.78 13.82
N TYR A 292 10.65 -8.66 13.32
CA TYR A 292 11.09 -8.19 12.01
C TYR A 292 12.59 -7.88 12.01
N LYS A 293 13.08 -7.22 13.07
CA LYS A 293 14.50 -6.88 13.17
C LYS A 293 15.33 -8.16 13.22
N LYS A 294 14.90 -9.12 14.03
CA LYS A 294 15.65 -10.37 14.16
C LYS A 294 15.74 -11.14 12.83
N GLN A 295 14.67 -11.08 12.05
CA GLN A 295 14.61 -11.75 10.75
C GLN A 295 15.32 -10.97 9.61
N GLY A 296 15.72 -9.74 9.86
CA GLY A 296 16.41 -8.96 8.83
C GLY A 296 15.43 -8.43 7.80
N VAL A 297 14.19 -8.18 8.22
CA VAL A 297 13.18 -7.55 7.37
C VAL A 297 12.92 -6.11 7.80
N SER A 298 12.96 -5.19 6.83
CA SER A 298 12.72 -3.76 7.13
C SER A 298 11.38 -3.46 7.83
N ILE A 299 11.42 -2.53 8.77
CA ILE A 299 10.23 -2.11 9.51
C ILE A 299 10.61 -0.81 10.22
N VAL A 300 9.62 0.02 10.57
CA VAL A 300 9.97 1.27 11.27
C VAL A 300 9.02 1.33 12.45
N ASP A 301 9.49 1.83 13.59
CA ASP A 301 8.60 2.03 14.72
C ASP A 301 7.90 3.38 14.57
N HIS A 302 6.81 3.62 15.31
CA HIS A 302 6.05 4.84 15.07
C HIS A 302 6.76 6.11 15.55
N HIS A 303 7.66 6.00 16.52
CA HIS A 303 8.40 7.19 16.98
C HIS A 303 9.40 7.64 15.93
N THR A 304 10.13 6.68 15.37
CA THR A 304 11.11 7.00 14.32
C THR A 304 10.37 7.51 13.09
N ALA A 305 9.26 6.86 12.72
CA ALA A 305 8.46 7.30 11.57
C ALA A 305 7.98 8.75 11.70
N ALA A 306 7.46 9.12 12.88
CA ALA A 306 7.02 10.50 13.06
C ALA A 306 8.19 11.46 13.00
N SER A 307 9.37 11.04 13.46
CA SER A 307 10.56 11.91 13.39
C SER A 307 10.95 12.14 11.93
N GLN A 308 10.83 11.09 11.14
CA GLN A 308 11.06 11.19 9.71
C GLN A 308 10.03 12.12 9.08
N PHE A 309 8.77 11.99 9.48
CA PHE A 309 7.73 12.85 8.92
C PHE A 309 7.99 14.32 9.29
N LYS A 310 8.50 14.57 10.49
CA LYS A 310 8.87 15.94 10.86
C LYS A 310 9.89 16.48 9.86
N ARG A 311 10.86 15.66 9.47
CA ARG A 311 11.84 16.13 8.50
C ARG A 311 11.17 16.40 7.16
N PHE A 312 10.18 15.60 6.80
CA PHE A 312 9.43 15.83 5.56
C PHE A 312 8.73 17.18 5.63
N GLU A 313 8.13 17.53 6.77
CA GLU A 313 7.49 18.85 6.92
C GLU A 313 8.51 19.98 6.76
N GLU A 314 9.68 19.81 7.35
CA GLU A 314 10.73 20.83 7.26
C GLU A 314 11.26 20.94 5.82
N GLN A 315 11.38 19.80 5.15
CA GLN A 315 11.81 19.80 3.74
C GLN A 315 10.84 20.58 2.85
N ALA A 316 9.53 20.34 3.03
CA ALA A 316 8.51 21.05 2.26
C ALA A 316 8.63 22.56 2.45
N GLU A 317 8.67 23.00 3.71
CA GLU A 317 8.80 24.42 4.01
C GLU A 317 10.06 25.02 3.36
N GLU A 318 11.16 24.26 3.36
CA GLU A 318 12.41 24.75 2.79
C GLU A 318 12.33 24.87 1.26
N ALA A 319 11.57 23.96 0.65
CA ALA A 319 11.43 23.93 -0.81
C ALA A 319 10.33 24.88 -1.30
N GLY A 320 9.65 25.53 -0.36
CA GLY A 320 8.54 26.40 -0.69
C GLY A 320 7.28 25.68 -1.18
N ARG A 321 7.15 24.39 -0.82
CA ARG A 321 5.96 23.61 -1.17
C ARG A 321 4.94 23.57 -0.04
N LYS A 322 3.67 23.74 -0.39
CA LYS A 322 2.58 23.59 0.56
C LYS A 322 2.57 22.14 1.06
N LEU A 323 2.36 21.96 2.36
CA LEU A 323 2.24 20.61 2.91
C LEU A 323 0.76 20.26 3.10
N THR A 324 0.36 19.10 2.63
CA THR A 324 -0.99 18.60 2.94
C THR A 324 -0.94 17.30 3.73
N GLY A 325 -1.93 17.09 4.58
CA GLY A 325 -1.96 15.89 5.39
C GLY A 325 -3.32 15.62 6.02
N ASP A 326 -3.54 14.36 6.38
CA ASP A 326 -4.76 13.95 7.08
C ASP A 326 -4.42 13.55 8.51
N TRP A 327 -4.63 14.46 9.46
CA TRP A 327 -4.27 14.25 10.86
C TRP A 327 -4.82 12.94 11.39
N THR A 328 -6.05 12.62 11.04
CA THR A 328 -6.71 11.42 11.56
C THR A 328 -6.04 10.11 11.15
N TRP A 329 -5.28 10.11 10.06
CA TRP A 329 -4.52 8.93 9.65
C TRP A 329 -3.03 9.01 9.99
N LEU A 330 -2.50 10.23 10.08
CA LEU A 330 -1.07 10.37 10.36
C LEU A 330 -0.74 10.01 11.82
N ILE A 331 -1.65 10.33 12.75
CA ILE A 331 -1.40 9.93 14.12
C ILE A 331 -1.35 8.41 14.24
N PRO A 332 -0.33 7.90 14.94
CA PRO A 332 -0.29 6.45 15.12
C PRO A 332 -1.36 5.97 16.09
N PRO A 333 -1.78 4.71 15.98
CA PRO A 333 -2.83 4.18 16.86
C PRO A 333 -2.32 3.79 18.26
N ILE A 334 -1.02 3.91 18.54
CA ILE A 334 -0.62 3.86 19.94
C ILE A 334 0.30 5.02 20.31
N SER A 335 0.19 5.43 21.57
CA SER A 335 0.82 6.67 22.07
C SER A 335 0.83 7.83 21.08
N PRO A 336 -0.32 8.17 20.46
CA PRO A 336 -0.24 9.27 19.48
C PRO A 336 0.21 10.62 20.04
N ALA A 337 -0.11 10.93 21.31
CA ALA A 337 0.28 12.21 21.89
C ALA A 337 1.79 12.26 22.17
N ALA A 338 2.46 11.14 22.03
CA ALA A 338 3.93 11.12 22.19
C ALA A 338 4.65 11.52 20.89
N THR A 339 3.91 11.80 19.83
CA THR A 339 4.52 12.25 18.56
C THR A 339 4.14 13.70 18.32
N HIS A 340 4.95 14.44 17.56
CA HIS A 340 4.66 15.86 17.29
C HIS A 340 3.38 16.03 16.45
N ILE A 341 3.06 15.01 15.65
CA ILE A 341 1.91 15.02 14.76
C ILE A 341 0.62 15.39 15.52
N PHE A 342 0.42 14.72 16.65
CA PHE A 342 -0.78 14.93 17.48
C PHE A 342 -0.99 16.40 17.84
N HIS A 343 0.10 17.16 17.99
CA HIS A 343 0.02 18.52 18.53
C HIS A 343 0.02 19.63 17.48
N ARG A 344 -0.06 19.27 16.20
CA ARG A 344 -0.25 20.30 15.18
C ARG A 344 -1.40 19.94 14.27
N SER A 345 -1.71 20.82 13.33
CA SER A 345 -2.82 20.56 12.41
C SER A 345 -2.29 20.50 10.97
N TYR A 346 -3.08 19.95 10.06
CA TYR A 346 -2.68 19.73 8.67
C TYR A 346 -3.82 20.07 7.72
N ASP A 347 -3.48 20.73 6.62
CA ASP A 347 -4.43 21.03 5.55
C ASP A 347 -4.71 19.74 4.74
N ASN A 348 -5.94 19.24 4.82
CA ASN A 348 -6.30 17.99 4.11
C ASN A 348 -6.72 18.18 2.64
N SER A 349 -6.23 19.21 1.96
CA SER A 349 -6.60 19.43 0.56
C SER A 349 -6.04 18.33 -0.35
N ILE A 350 -6.81 17.95 -1.37
CA ILE A 350 -6.38 16.95 -2.34
C ILE A 350 -5.58 17.62 -3.47
N VAL A 351 -4.34 17.17 -3.69
CA VAL A 351 -3.49 17.73 -4.72
C VAL A 351 -3.10 16.58 -5.66
N LYS A 352 -3.09 16.81 -6.98
CA LYS A 352 -2.71 15.76 -7.92
C LYS A 352 -1.35 16.05 -8.53
N PRO A 353 -0.61 15.00 -8.95
CA PRO A 353 -0.86 13.55 -8.95
C PRO A 353 -1.11 12.96 -7.57
N ASN A 354 -1.85 11.85 -7.52
CA ASN A 354 -2.18 11.23 -6.25
C ASN A 354 -2.68 9.80 -6.47
N TYR A 355 -2.82 9.06 -5.37
CA TYR A 355 -3.38 7.69 -5.39
C TYR A 355 -4.82 7.77 -4.84
N PHE A 356 -5.75 7.08 -5.50
CA PHE A 356 -7.19 7.19 -5.14
C PHE A 356 -7.83 5.82 -4.99
N TYR A 357 -8.85 5.73 -4.14
CA TYR A 357 -9.64 4.53 -4.05
C TYR A 357 -10.40 4.36 -5.36
N GLN A 358 -10.74 3.12 -5.71
CA GLN A 358 -11.63 2.86 -6.84
C GLN A 358 -12.56 1.71 -6.46
N ASP A 359 -13.68 1.58 -7.17
CA ASP A 359 -14.66 0.53 -6.85
C ASP A 359 -14.07 -0.87 -7.01
N LYS A 360 -14.43 -1.77 -6.11
CA LYS A 360 -14.03 -3.17 -6.20
C LYS A 360 -14.80 -3.86 -7.33
N PRO A 361 -14.15 -4.81 -8.03
CA PRO A 361 -14.87 -5.57 -9.05
C PRO A 361 -15.69 -6.72 -8.46
N TYR A 362 -15.37 -7.13 -7.24
CA TYR A 362 -16.15 -8.14 -6.53
C TYR A 362 -16.99 -7.41 -5.47
N GLU A 363 -17.79 -8.15 -4.71
CA GLU A 363 -18.85 -7.58 -3.84
C GLU A 363 -19.98 -6.97 -4.68
CHA HEM B . -0.74 5.21 4.06
CHB HEM B . 3.61 4.32 6.09
CHC HEM B . 5.60 4.10 1.66
CHD HEM B . 1.40 5.66 -0.30
C1A HEM B . 0.28 4.83 4.90
C2A HEM B . 0.02 4.41 6.23
C3A HEM B . 1.23 4.18 6.81
C4A HEM B . 2.25 4.44 5.84
CMA HEM B . 1.47 3.70 8.22
CAA HEM B . -1.34 4.24 6.88
CBA HEM B . -1.93 2.90 6.42
CGA HEM B . -3.07 2.33 7.21
O1A HEM B . -3.31 2.71 8.38
O2A HEM B . -3.79 1.43 6.67
C1B HEM B . 4.52 4.15 5.05
C2B HEM B . 5.85 3.68 5.23
C3B HEM B . 6.43 3.60 4.02
C4B HEM B . 5.40 4.08 3.05
CMB HEM B . 6.51 3.28 6.55
CAB HEM B . 7.82 3.13 3.78
CBB HEM B . 8.63 3.58 2.78
C1C HEM B . 4.62 4.42 0.72
C2C HEM B . 4.75 4.35 -0.69
C3C HEM B . 3.56 4.82 -1.26
C4C HEM B . 2.68 5.14 -0.17
CMC HEM B . 6.00 3.88 -1.39
CAC HEM B . 3.21 4.95 -2.71
CBC HEM B . 4.10 5.12 -3.72
C1D HEM B . 0.50 5.63 0.80
C2D HEM B . -0.93 5.83 0.57
C3D HEM B . -1.54 5.68 1.77
C4D HEM B . -0.44 5.42 2.72
CMD HEM B . -1.63 6.13 -0.73
CAD HEM B . -3.04 5.84 2.03
CBD HEM B . -3.80 4.52 1.91
CGD HEM B . -5.29 4.68 2.13
O1D HEM B . -5.98 3.66 2.36
O2D HEM B . -5.87 5.80 2.06
NA HEM B . 1.65 4.87 4.66
NB HEM B . 4.28 4.36 3.75
NC HEM B . 3.38 4.92 1.00
ND HEM B . 0.77 5.36 2.11
FE HEM B . 2.53 5.15 2.88
N1 H4B C . -5.59 5.91 10.60
C2 H4B C . -4.86 4.98 9.94
N2 H4B C . -3.53 5.20 9.78
N3 H4B C . -5.45 3.88 9.43
C4 H4B C . -6.77 3.61 9.54
O4 H4B C . -7.27 2.56 9.07
C4A H4B C . -7.62 4.58 10.27
C8A H4B C . -6.92 5.77 10.80
N5 H4B C . -8.96 4.46 10.46
N8 H4B C . -7.59 6.74 11.46
C6 H4B C . -9.62 5.76 10.59
C7 H4B C . -9.01 6.54 11.73
C9 H4B C . -11.14 5.65 10.74
O9 H4B C . -11.40 4.59 11.64
C10 H4B C . -11.79 6.94 11.28
C11 H4B C . -13.30 6.75 11.33
O10 H4B C . -11.47 8.13 10.54
CL CL D . -1.75 -3.98 6.15
N26 7LN E . -12.91 0.28 -1.30
C26 7LN E . -12.66 1.49 -1.00
C25 7LN E . -13.45 2.60 -1.61
S21 7LN E . -13.78 2.50 -3.30
C22 7LN E . -14.65 4.00 -3.37
C23 7LN E . -14.65 4.53 -2.07
C24 7LN E . -14.00 3.77 -1.09
N27 7LN E . -11.68 1.83 -0.16
C31 7LN E . -11.33 1.19 1.00
C36 7LN E . -9.99 1.25 1.40
C32 7LN E . -12.25 0.52 1.78
C33 7LN E . -11.84 -0.10 2.96
C34 7LN E . -10.49 -0.04 3.34
C35 7LN E . -9.56 0.64 2.57
C37 7LN E . -8.10 0.71 3.00
O38 7LN E . -7.98 0.04 4.26
C20 7LN E . -6.89 0.44 5.10
C21 7LN E . -7.26 0.26 6.58
N22 7LN E . -6.16 0.57 7.52
C19 7LN E . -5.70 -0.44 4.82
O18 7LN E . -4.84 0.18 3.87
C17 7LN E . -3.69 -0.65 3.74
C15 7LN E . -2.48 0.22 3.58
C14 7LN E . -2.54 1.35 2.76
C13 7LN E . -1.40 2.15 2.61
C12 7LN E . -0.25 1.82 3.30
C16 7LN E . -1.30 -0.11 4.25
C11 7LN E . -0.17 0.69 4.11
N07 7LN E . 0.96 0.35 4.83
C06 7LN E . 2.19 0.46 4.34
N06 7LN E . 3.21 0.65 5.10
C05 7LN E . 2.31 0.38 2.86
S01 7LN E . 3.41 1.53 2.22
C02 7LN E . 3.11 1.05 0.56
C03 7LN E . 2.16 0.03 0.59
C04 7LN E . 1.69 -0.37 1.85
C1 GOL F . -7.11 8.06 0.26
O1 GOL F . -5.73 7.78 0.41
C2 GOL F . -7.48 8.26 -1.21
O2 GOL F . -7.00 9.55 -1.62
C3 GOL F . -9.00 8.20 -1.31
O3 GOL F . -9.41 8.16 -2.68
C1 GOL G . 13.30 0.99 7.40
O1 GOL G . 13.16 1.46 8.75
C2 GOL G . 14.51 0.07 7.37
O2 GOL G . 14.23 -1.06 8.21
C3 GOL G . 15.73 0.82 7.93
O3 GOL G . 16.30 1.69 6.94
#